data_7EJO
#
_entry.id   7EJO
#
_cell.length_a   103.117
_cell.length_b   51.882
_cell.length_c   57.038
_cell.angle_alpha   90.000
_cell.angle_beta   90.000
_cell.angle_gamma   90.000
#
_symmetry.space_group_name_H-M   'P 21 21 2'
#
loop_
_entity.id
_entity.type
_entity.pdbx_description
1 polymer 'Enhancer of rudimentary homolog 2,Protein tost-1'
2 polymer 'Enhancer of rudimentary homolog 2'
3 water water
#
loop_
_entity_poly.entity_id
_entity_poly.type
_entity_poly.pdbx_seq_one_letter_code
_entity_poly.pdbx_strand_id
1 'polypeptide(L)'
;MSTSSHTVLLIQTSPRLDSRTWGDYESVTDALDALCKMFEDFLSKKSAAPVTYDVSQVYEFLDKLSDVSMMIFNRETGQY
IGRTRAWIKQQVYEMMRGRCQHPGSSGSSGSSGSSGSSGSSGSSNKRITLNERFGVLEKGYTIQA
;
A
2 'polypeptide(L)'
;MSTSSHTVLLIQTSPRLDSRTWGDYESVTDALDALCKMFEDFLSKKSAAPVTYDVSQVYEFLDKLSDVSMMIFNRETGQY
IGRTRAWIKQQVYEMMRGRCQHPG
;
B
#
# COMPACT_ATOMS: atom_id res chain seq x y z
N SER A 4 3.44 -11.49 14.68
CA SER A 4 3.55 -10.23 13.96
C SER A 4 3.09 -10.39 12.49
N SER A 5 2.19 -9.52 12.09
CA SER A 5 1.60 -9.56 10.76
C SER A 5 2.14 -8.42 9.91
N HIS A 6 2.84 -8.76 8.84
CA HIS A 6 3.30 -7.78 7.87
C HIS A 6 2.14 -6.87 7.43
N THR A 7 2.36 -5.57 7.47
CA THR A 7 1.29 -4.61 7.23
C THR A 7 1.72 -3.57 6.20
N VAL A 8 0.86 -3.30 5.23
CA VAL A 8 1.07 -2.22 4.28
C VAL A 8 0.13 -1.09 4.66
N LEU A 9 0.67 0.12 4.78
CA LEU A 9 -0.08 1.30 5.16
C LEU A 9 -0.24 2.19 3.94
N LEU A 10 -1.49 2.39 3.52
CA LEU A 10 -1.84 3.27 2.40
C LEU A 10 -2.35 4.59 2.96
N ILE A 11 -1.72 5.69 2.52
CA ILE A 11 -2.05 7.03 2.99
C ILE A 11 -2.16 7.99 1.80
N GLN A 12 -3.09 8.94 1.92
CA GLN A 12 -3.20 10.09 1.04
C GLN A 12 -3.38 11.29 1.96
N THR A 13 -2.39 12.16 2.03
CA THR A 13 -2.46 13.22 3.02
C THR A 13 -3.43 14.32 2.57
N SER A 14 -3.32 14.79 1.34
CA SER A 14 -4.18 15.85 0.84
C SER A 14 -5.11 15.33 -0.26
N PRO A 15 -6.13 16.12 -0.65
CA PRO A 15 -7.00 15.68 -1.76
C PRO A 15 -6.28 15.57 -3.10
N ARG A 16 -5.03 16.00 -3.20
CA ARG A 16 -4.26 15.77 -4.40
C ARG A 16 -3.81 14.32 -4.50
N LEU A 17 -4.06 13.71 -5.66
CA LEU A 17 -3.76 12.29 -5.85
C LEU A 17 -2.28 11.99 -5.72
N ASP A 18 -1.43 12.97 -6.01
CA ASP A 18 0.00 12.75 -5.87
C ASP A 18 0.50 12.88 -4.41
N SER A 19 -0.38 13.07 -3.43
CA SER A 19 0.03 12.92 -2.04
C SER A 19 -0.18 11.49 -1.53
N ARG A 20 -0.48 10.55 -2.41
CA ARG A 20 -0.64 9.16 -2.00
C ARG A 20 0.73 8.54 -1.74
N THR A 21 0.88 7.92 -0.58
CA THR A 21 2.12 7.22 -0.35
C THR A 21 1.81 5.97 0.46
N TRP A 22 2.82 5.11 0.61
CA TRP A 22 2.64 3.89 1.38
C TRP A 22 3.93 3.55 2.12
N GLY A 23 3.76 2.73 3.17
CA GLY A 23 4.89 2.16 3.88
C GLY A 23 4.49 0.75 4.31
N ASP A 24 5.48 -0.04 4.68
CA ASP A 24 5.15 -1.36 5.19
C ASP A 24 5.95 -1.66 6.46
N TYR A 25 5.42 -2.59 7.25
CA TYR A 25 5.84 -2.74 8.63
C TYR A 25 5.78 -4.21 8.95
N GLU A 26 6.63 -4.64 9.89
CA GLU A 26 6.65 -6.03 10.29
C GLU A 26 5.45 -6.43 11.13
N SER A 27 4.76 -5.48 11.77
CA SER A 27 3.60 -5.81 12.57
C SER A 27 2.54 -4.72 12.45
N VAL A 28 1.30 -5.09 12.82
CA VAL A 28 0.23 -4.08 12.88
C VAL A 28 0.61 -2.98 13.86
N THR A 29 1.22 -3.35 14.98
CA THR A 29 1.57 -2.36 15.98
C THR A 29 2.53 -1.34 15.41
N ASP A 30 3.50 -1.78 14.61
CA ASP A 30 4.44 -0.84 14.01
C ASP A 30 3.73 0.12 13.06
N ALA A 31 2.77 -0.37 12.28
CA ALA A 31 2.09 0.52 11.35
C ALA A 31 1.26 1.54 12.12
N LEU A 32 0.61 1.10 13.20
CA LEU A 32 -0.16 2.03 14.03
C LEU A 32 0.73 3.07 14.67
N ASP A 33 1.86 2.62 15.24
CA ASP A 33 2.86 3.53 15.77
C ASP A 33 3.30 4.57 14.73
N ALA A 34 3.42 4.17 13.47
CA ALA A 34 3.85 5.13 12.47
C ALA A 34 2.81 6.24 12.29
N LEU A 35 1.52 5.86 12.36
CA LEU A 35 0.45 6.86 12.29
C LEU A 35 0.47 7.79 13.49
N CYS A 36 0.71 7.25 14.69
CA CYS A 36 0.82 8.12 15.86
C CYS A 36 1.96 9.11 15.67
N LYS A 37 3.09 8.66 15.11
CA LYS A 37 4.21 9.57 14.85
C LYS A 37 3.85 10.60 13.77
N MET A 38 3.15 10.19 12.73
CA MET A 38 2.69 11.18 11.77
C MET A 38 1.85 12.24 12.46
N PHE A 39 0.97 11.81 13.38
CA PHE A 39 0.10 12.76 14.07
C PHE A 39 0.91 13.75 14.90
N GLU A 40 1.90 13.26 15.64
CA GLU A 40 2.74 14.17 16.42
C GLU A 40 3.53 15.11 15.53
N ASP A 41 3.97 14.63 14.36
CA ASP A 41 4.75 15.50 13.49
C ASP A 41 3.91 16.64 12.96
N PHE A 42 2.61 16.38 12.69
CA PHE A 42 1.70 17.45 12.28
C PHE A 42 1.35 18.42 13.41
N LEU A 43 1.95 18.30 14.60
CA LEU A 43 1.67 19.23 15.68
C LEU A 43 2.89 20.11 15.96
N VAL A 51 3.52 17.90 22.30
CA VAL A 51 3.43 18.31 23.69
C VAL A 51 2.20 17.68 24.34
N THR A 52 1.06 18.36 24.23
CA THR A 52 -0.22 17.83 24.71
C THR A 52 -1.27 17.93 23.62
N TYR A 53 -2.17 16.95 23.62
CA TYR A 53 -3.25 16.88 22.65
C TYR A 53 -4.43 16.13 23.27
N ASP A 54 -5.64 16.43 22.79
CA ASP A 54 -6.79 15.69 23.27
C ASP A 54 -7.25 14.65 22.25
N VAL A 55 -8.20 13.82 22.69
CA VAL A 55 -8.69 12.68 21.91
C VAL A 55 -9.22 13.14 20.56
N SER A 56 -10.01 14.22 20.55
CA SER A 56 -10.59 14.72 19.31
C SER A 56 -9.55 15.03 18.25
N GLN A 57 -8.37 15.49 18.66
CA GLN A 57 -7.34 15.81 17.66
C GLN A 57 -6.88 14.56 16.92
N VAL A 58 -6.77 13.42 17.62
CA VAL A 58 -6.30 12.19 16.96
C VAL A 58 -7.33 11.70 15.95
N TYR A 59 -8.60 11.61 16.37
CA TYR A 59 -9.65 11.22 15.45
C TYR A 59 -9.74 12.19 14.27
N GLU A 60 -9.64 13.48 14.53
CA GLU A 60 -9.84 14.40 13.42
C GLU A 60 -8.61 14.47 12.52
N PHE A 61 -7.40 14.29 13.08
CA PHE A 61 -6.24 14.08 12.22
C PHE A 61 -6.48 12.91 11.29
N LEU A 62 -6.98 11.80 11.83
CA LEU A 62 -7.23 10.65 10.98
C LEU A 62 -8.40 10.91 10.03
N ASP A 63 -9.41 11.68 10.48
CA ASP A 63 -10.51 12.01 9.57
C ASP A 63 -10.08 12.99 8.49
N LYS A 64 -9.11 13.85 8.77
CA LYS A 64 -8.70 14.86 7.80
C LYS A 64 -7.83 14.28 6.69
N LEU A 65 -7.19 13.14 6.92
CA LEU A 65 -6.49 12.48 5.83
C LEU A 65 -7.50 12.13 4.74
N SER A 66 -7.17 12.48 3.50
CA SER A 66 -8.06 12.14 2.40
C SER A 66 -8.25 10.62 2.30
N ASP A 67 -7.29 9.85 2.80
CA ASP A 67 -7.40 8.40 2.73
C ASP A 67 -6.37 7.76 3.65
N VAL A 68 -6.78 6.67 4.31
CA VAL A 68 -5.90 5.89 5.17
C VAL A 68 -6.45 4.48 5.32
N SER A 69 -5.63 3.48 5.05
CA SER A 69 -6.09 2.10 5.14
C SER A 69 -4.87 1.20 5.26
N MET A 70 -5.12 -0.05 5.65
CA MET A 70 -4.05 -1.01 5.85
C MET A 70 -4.38 -2.31 5.14
N MET A 71 -3.32 -3.00 4.70
CA MET A 71 -3.39 -4.40 4.28
C MET A 71 -2.62 -5.19 5.32
N ILE A 72 -3.30 -6.12 6.01
CA ILE A 72 -2.70 -6.85 7.10
C ILE A 72 -2.58 -8.32 6.74
N PHE A 73 -1.36 -8.85 6.83
CA PHE A 73 -1.11 -10.23 6.43
C PHE A 73 -1.81 -11.21 7.36
N ASN A 74 -2.45 -12.21 6.77
CA ASN A 74 -3.14 -13.27 7.49
C ASN A 74 -2.41 -14.58 7.20
N ARG A 75 -1.67 -15.09 8.18
CA ARG A 75 -0.78 -16.22 7.90
C ARG A 75 -1.55 -17.46 7.47
N GLU A 76 -2.79 -17.62 7.92
CA GLU A 76 -3.49 -18.84 7.54
C GLU A 76 -3.88 -18.88 6.07
N THR A 77 -4.14 -17.74 5.44
CA THR A 77 -4.51 -17.75 4.03
C THR A 77 -3.39 -17.31 3.11
N GLY A 78 -2.31 -16.73 3.64
CA GLY A 78 -1.28 -16.22 2.77
C GLY A 78 -1.69 -14.94 2.08
N GLN A 79 -2.76 -14.30 2.55
CA GLN A 79 -3.35 -13.14 1.89
C GLN A 79 -3.58 -12.03 2.90
N TYR A 80 -4.00 -10.87 2.40
CA TYR A 80 -4.03 -9.66 3.21
C TYR A 80 -5.47 -9.24 3.48
N ILE A 81 -5.77 -8.96 4.74
CA ILE A 81 -7.06 -8.39 5.16
C ILE A 81 -7.00 -6.87 5.03
N GLY A 82 -7.99 -6.28 4.36
CA GLY A 82 -8.07 -4.83 4.27
C GLY A 82 -8.80 -4.23 5.45
N ARG A 83 -8.25 -3.13 5.99
CA ARG A 83 -8.84 -2.41 7.11
C ARG A 83 -8.90 -0.93 6.77
N THR A 84 -10.04 -0.29 7.01
CA THR A 84 -10.20 1.11 6.63
C THR A 84 -10.25 2.02 7.86
N ARG A 85 -10.64 3.27 7.64
CA ARG A 85 -10.39 4.32 8.63
C ARG A 85 -11.11 4.07 9.96
N ALA A 86 -12.36 3.62 9.94
CA ALA A 86 -13.10 3.42 11.20
C ALA A 86 -12.36 2.45 12.13
N TRP A 87 -11.92 1.30 11.60
CA TRP A 87 -11.14 0.37 12.41
C TRP A 87 -9.81 0.96 12.85
N ILE A 88 -9.10 1.64 11.94
CA ILE A 88 -7.80 2.18 12.30
C ILE A 88 -7.93 3.19 13.44
N LYS A 89 -9.00 4.00 13.42
CA LYS A 89 -9.17 5.01 14.45
C LYS A 89 -9.33 4.37 15.83
N GLN A 90 -10.01 3.24 15.91
CA GLN A 90 -10.17 2.63 17.22
C GLN A 90 -8.85 2.04 17.70
N GLN A 91 -8.09 1.40 16.81
CA GLN A 91 -6.78 0.91 17.21
C GLN A 91 -5.88 2.05 17.65
N VAL A 92 -5.85 3.14 16.86
CA VAL A 92 -4.98 4.27 17.18
C VAL A 92 -5.41 4.94 18.47
N TYR A 93 -6.72 5.10 18.68
CA TYR A 93 -7.17 5.64 19.96
C TYR A 93 -6.68 4.78 21.12
N GLU A 94 -6.83 3.46 21.01
CA GLU A 94 -6.37 2.59 22.09
C GLU A 94 -4.88 2.72 22.34
N MET A 95 -4.10 2.84 21.27
CA MET A 95 -2.67 3.04 21.43
C MET A 95 -2.35 4.41 22.04
N MET A 96 -3.20 5.42 21.79
CA MET A 96 -2.94 6.79 22.21
C MET A 96 -3.68 7.20 23.47
N ARG A 97 -4.55 6.34 24.00
CA ARG A 97 -5.54 6.76 25.00
C ARG A 97 -4.88 7.31 26.26
N GLY A 98 -3.75 6.72 26.67
CA GLY A 98 -3.06 7.12 27.88
C GLY A 98 -2.31 8.44 27.79
N ARG A 99 -2.11 8.97 26.58
CA ARG A 99 -1.45 10.24 26.37
C ARG A 99 -2.39 11.38 25.98
N CYS A 100 -3.69 11.12 25.79
CA CYS A 100 -4.62 12.14 25.35
C CYS A 100 -5.29 12.80 26.53
N GLN A 101 -5.33 14.14 26.52
CA GLN A 101 -6.29 14.85 27.35
C GLN A 101 -7.72 14.52 26.91
N HIS A 102 -8.65 14.57 27.84
CA HIS A 102 -10.05 14.32 27.56
C HIS A 102 -10.84 15.31 28.37
N PRO A 103 -12.09 15.61 27.97
CA PRO A 103 -12.92 16.52 28.76
C PRO A 103 -13.19 15.92 30.12
N GLY A 104 -13.75 16.74 31.00
CA GLY A 104 -13.90 16.33 32.38
C GLY A 104 -12.53 16.49 32.99
N SER A 105 -12.02 15.43 33.61
CA SER A 105 -10.73 15.32 34.30
C SER A 105 -10.91 15.55 35.78
N LYS A 126 18.26 -2.29 2.51
CA LYS A 126 18.14 -3.18 3.67
C LYS A 126 16.67 -3.58 3.93
N ARG A 127 15.76 -3.00 3.15
CA ARG A 127 14.36 -3.37 3.20
C ARG A 127 14.10 -4.50 2.20
N ILE A 128 13.03 -5.25 2.44
CA ILE A 128 12.51 -6.20 1.46
C ILE A 128 11.47 -5.49 0.60
N THR A 129 11.62 -5.56 -0.72
CA THR A 129 10.57 -4.97 -1.57
C THR A 129 9.29 -5.81 -1.48
N LEU A 130 8.15 -5.16 -1.75
CA LEU A 130 6.90 -5.89 -1.90
C LEU A 130 7.03 -6.92 -3.02
N ASN A 131 7.63 -6.53 -4.14
CA ASN A 131 7.85 -7.47 -5.23
C ASN A 131 8.53 -8.75 -4.73
N GLU A 132 9.70 -8.62 -4.09
CA GLU A 132 10.36 -9.83 -3.59
C GLU A 132 9.50 -10.58 -2.57
N ARG A 133 8.94 -9.87 -1.59
CA ARG A 133 8.12 -10.54 -0.58
C ARG A 133 6.93 -11.27 -1.21
N PHE A 134 6.26 -10.65 -2.18
CA PHE A 134 5.16 -11.37 -2.78
C PHE A 134 5.66 -12.56 -3.57
N GLY A 135 6.89 -12.48 -4.12
CA GLY A 135 7.42 -13.59 -4.88
C GLY A 135 7.81 -14.77 -4.01
N VAL A 136 8.40 -14.50 -2.85
CA VAL A 136 8.67 -15.57 -1.91
C VAL A 136 7.35 -16.20 -1.47
N LEU A 137 6.32 -15.37 -1.33
CA LEU A 137 5.02 -15.86 -0.88
C LEU A 137 4.37 -16.75 -1.94
N GLU A 138 4.44 -16.34 -3.20
CA GLU A 138 3.89 -17.15 -4.28
C GLU A 138 4.49 -18.54 -4.33
N LYS A 139 5.70 -18.70 -3.81
CA LYS A 139 6.39 -19.98 -3.81
C LYS A 139 6.07 -20.82 -2.59
N GLY A 140 5.27 -20.32 -1.65
CA GLY A 140 4.87 -21.08 -0.49
C GLY A 140 5.58 -20.71 0.79
N TYR A 141 6.26 -19.57 0.83
CA TYR A 141 7.06 -19.19 1.98
C TYR A 141 6.66 -17.83 2.53
N THR A 142 6.75 -17.67 3.84
CA THR A 142 6.63 -16.35 4.44
C THR A 142 7.99 -15.83 4.86
N ILE A 143 8.10 -14.52 4.90
CA ILE A 143 9.28 -13.83 5.39
C ILE A 143 8.92 -13.35 6.77
N GLN A 144 9.75 -13.71 7.75
CA GLN A 144 9.43 -13.55 9.16
C GLN A 144 10.54 -12.76 9.83
N ALA A 145 10.14 -11.67 10.47
CA ALA A 145 11.07 -10.78 11.17
C ALA A 145 11.78 -11.48 12.33
N SER B 4 -15.13 -8.72 -11.23
CA SER B 4 -14.13 -7.66 -11.06
C SER B 4 -13.48 -7.65 -9.66
N SER B 5 -12.17 -7.39 -9.62
CA SER B 5 -11.42 -7.40 -8.39
C SER B 5 -10.79 -6.04 -8.15
N HIS B 6 -11.22 -5.36 -7.08
CA HIS B 6 -10.54 -4.18 -6.59
C HIS B 6 -9.03 -4.41 -6.49
N THR B 7 -8.26 -3.48 -7.05
CA THR B 7 -6.82 -3.66 -7.22
C THR B 7 -6.06 -2.46 -6.72
N VAL B 8 -5.02 -2.69 -5.92
CA VAL B 8 -4.09 -1.65 -5.53
C VAL B 8 -2.78 -1.86 -6.28
N LEU B 9 -2.26 -0.79 -6.87
CA LEU B 9 -1.00 -0.79 -7.61
C LEU B 9 0.02 -0.05 -6.77
N LEU B 10 1.10 -0.71 -6.40
CA LEU B 10 2.08 -0.11 -5.50
C LEU B 10 3.41 0.02 -6.23
N ILE B 11 3.96 1.22 -6.20
CA ILE B 11 5.14 1.52 -6.96
C ILE B 11 6.14 2.27 -6.10
N GLN B 12 7.43 2.06 -6.39
CA GLN B 12 8.49 2.90 -5.87
C GLN B 12 9.43 3.20 -7.02
N THR B 13 9.56 4.47 -7.38
CA THR B 13 10.18 4.76 -8.66
C THR B 13 11.68 4.94 -8.55
N SER B 14 12.18 5.43 -7.42
CA SER B 14 13.62 5.55 -7.19
C SER B 14 13.98 4.84 -5.89
N PRO B 15 15.26 4.79 -5.51
CA PRO B 15 15.60 4.22 -4.19
C PRO B 15 15.10 5.05 -3.01
N ARG B 16 14.64 6.28 -3.21
CA ARG B 16 14.08 7.05 -2.10
C ARG B 16 12.76 6.45 -1.63
N LEU B 17 12.59 6.28 -0.34
CA LEU B 17 11.35 5.79 0.21
C LEU B 17 10.25 6.76 -0.07
N ASP B 18 10.59 8.01 -0.34
CA ASP B 18 9.57 8.97 -0.66
C ASP B 18 9.10 8.89 -2.09
N SER B 19 9.61 7.93 -2.85
CA SER B 19 9.07 7.74 -4.18
C SER B 19 8.01 6.66 -4.22
N ARG B 20 7.63 6.12 -3.06
CA ARG B 20 6.56 5.12 -2.95
C ARG B 20 5.21 5.76 -3.19
N THR B 21 4.47 5.31 -4.22
CA THR B 21 3.12 5.80 -4.44
C THR B 21 2.19 4.65 -4.81
N TRP B 22 0.88 4.90 -4.79
CA TRP B 22 -0.10 3.85 -5.07
C TRP B 22 -1.30 4.44 -5.77
N GLY B 23 -2.00 3.59 -6.50
CA GLY B 23 -3.30 3.92 -7.05
C GLY B 23 -4.18 2.69 -6.90
N ASP B 24 -5.50 2.92 -6.85
CA ASP B 24 -6.38 1.78 -6.78
C ASP B 24 -7.49 1.92 -7.82
N TYR B 25 -8.05 0.75 -8.17
CA TYR B 25 -8.81 0.54 -9.39
C TYR B 25 -9.89 -0.49 -9.12
N GLU B 26 -10.98 -0.42 -9.89
CA GLU B 26 -12.06 -1.36 -9.68
C GLU B 26 -11.80 -2.71 -10.34
N SER B 27 -10.79 -2.80 -11.20
CA SER B 27 -10.52 -3.99 -12.00
C SER B 27 -9.01 -4.13 -12.17
N VAL B 28 -8.54 -5.38 -12.33
CA VAL B 28 -7.14 -5.58 -12.68
C VAL B 28 -6.84 -4.94 -14.03
N THR B 29 -7.85 -4.95 -14.92
CA THR B 29 -7.72 -4.32 -16.23
C THR B 29 -7.41 -2.83 -16.10
N ASP B 30 -8.19 -2.12 -15.28
CA ASP B 30 -7.94 -0.70 -15.03
C ASP B 30 -6.54 -0.48 -14.47
N ALA B 31 -6.07 -1.38 -13.60
CA ALA B 31 -4.75 -1.17 -13.01
C ALA B 31 -3.65 -1.39 -14.02
N LEU B 32 -3.77 -2.41 -14.85
CA LEU B 32 -2.78 -2.63 -15.90
C LEU B 32 -2.82 -1.50 -16.91
N ASP B 33 -4.03 -1.10 -17.30
CA ASP B 33 -4.18 0.05 -18.17
C ASP B 33 -3.47 1.27 -17.56
N ALA B 34 -3.70 1.52 -16.27
CA ALA B 34 -3.03 2.66 -15.63
C ALA B 34 -1.51 2.52 -15.70
N LEU B 35 -0.99 1.30 -15.60
CA LEU B 35 0.45 1.12 -15.55
C LEU B 35 1.11 1.37 -16.90
N CYS B 36 0.51 0.89 -17.99
CA CYS B 36 1.03 1.20 -19.33
C CYS B 36 0.94 2.70 -19.62
N LYS B 37 -0.11 3.35 -19.14
CA LYS B 37 -0.19 4.81 -19.36
C LYS B 37 0.97 5.51 -18.68
N MET B 38 1.35 5.07 -17.48
CA MET B 38 2.56 5.60 -16.85
C MET B 38 3.76 5.46 -17.77
N PHE B 39 3.93 4.26 -18.34
CA PHE B 39 5.04 4.00 -19.25
C PHE B 39 4.95 4.83 -20.52
N GLU B 40 3.74 4.96 -21.07
CA GLU B 40 3.59 5.77 -22.29
C GLU B 40 3.95 7.22 -22.05
N ASP B 41 3.66 7.74 -20.85
CA ASP B 41 3.98 9.13 -20.59
C ASP B 41 5.49 9.33 -20.42
N PHE B 42 6.16 8.40 -19.74
CA PHE B 42 7.61 8.42 -19.76
C PHE B 42 8.14 8.40 -21.20
N LEU B 43 7.45 7.69 -22.08
CA LEU B 43 7.79 7.62 -23.50
C LEU B 43 7.51 8.92 -24.26
N SER B 44 6.98 9.95 -23.59
CA SER B 44 6.65 11.20 -24.28
C SER B 44 7.40 12.37 -23.67
N VAL B 51 4.86 7.43 -30.67
CA VAL B 51 5.87 6.38 -30.64
C VAL B 51 5.20 5.06 -30.25
N THR B 52 5.73 3.98 -30.81
CA THR B 52 5.34 2.61 -30.46
C THR B 52 6.38 2.05 -29.48
N TYR B 53 6.26 0.76 -29.15
CA TYR B 53 7.22 0.07 -28.30
C TYR B 53 6.89 -1.41 -28.35
N ASP B 54 7.90 -2.25 -28.17
CA ASP B 54 7.65 -3.68 -28.04
C ASP B 54 7.61 -4.08 -26.57
N VAL B 55 7.28 -5.34 -26.33
CA VAL B 55 7.16 -5.82 -24.96
C VAL B 55 8.45 -5.62 -24.15
N SER B 56 9.59 -5.72 -24.81
CA SER B 56 10.86 -5.55 -24.13
C SER B 56 10.98 -4.20 -23.47
N GLN B 57 10.43 -3.17 -24.10
CA GLN B 57 10.51 -1.86 -23.57
C GLN B 57 9.67 -1.68 -22.33
N VAL B 58 8.50 -2.29 -22.27
CA VAL B 58 7.72 -2.22 -21.06
C VAL B 58 8.43 -3.03 -19.99
N TYR B 59 8.99 -4.16 -20.35
CA TYR B 59 9.69 -4.98 -19.41
C TYR B 59 10.83 -4.22 -18.77
N GLU B 60 11.60 -3.53 -19.57
CA GLU B 60 12.71 -2.74 -19.03
C GLU B 60 12.18 -1.63 -18.13
N PHE B 61 11.10 -0.96 -18.53
CA PHE B 61 10.52 0.06 -17.69
C PHE B 61 10.16 -0.51 -16.32
N LEU B 62 9.51 -1.68 -16.28
CA LEU B 62 9.14 -2.25 -15.00
C LEU B 62 10.37 -2.70 -14.21
N ASP B 63 11.43 -3.14 -14.89
CA ASP B 63 12.66 -3.51 -14.18
C ASP B 63 13.34 -2.31 -13.53
N LYS B 64 13.24 -1.14 -14.13
CA LYS B 64 13.94 0.01 -13.57
C LYS B 64 13.23 0.56 -12.36
N LEU B 65 11.95 0.24 -12.16
CA LEU B 65 11.29 0.59 -10.91
C LEU B 65 11.96 -0.10 -9.72
N SER B 66 12.15 0.63 -8.62
CA SER B 66 12.73 -0.01 -7.43
C SER B 66 11.77 -1.00 -6.77
N ASP B 67 10.47 -0.88 -7.02
CA ASP B 67 9.48 -1.79 -6.45
C ASP B 67 8.23 -1.60 -7.27
N VAL B 68 7.57 -2.70 -7.65
CA VAL B 68 6.27 -2.62 -8.30
C VAL B 68 5.54 -3.90 -7.97
N SER B 69 4.28 -3.77 -7.57
CA SER B 69 3.46 -4.93 -7.25
C SER B 69 2.01 -4.54 -7.35
N MET B 70 1.14 -5.55 -7.30
CA MET B 70 -0.29 -5.34 -7.19
C MET B 70 -0.83 -6.16 -6.05
N MET B 71 -1.85 -5.63 -5.39
CA MET B 71 -2.60 -6.36 -4.39
C MET B 71 -4.04 -6.46 -4.87
N ILE B 72 -4.52 -7.67 -5.09
CA ILE B 72 -5.73 -7.89 -5.88
C ILE B 72 -6.77 -8.64 -5.05
N PHE B 73 -7.97 -8.06 -4.96
CA PHE B 73 -9.02 -8.65 -4.12
C PHE B 73 -9.43 -10.02 -4.64
N ASN B 74 -9.54 -10.96 -3.71
CA ASN B 74 -9.91 -12.35 -3.99
C ASN B 74 -11.23 -12.63 -3.30
N ARG B 75 -12.26 -12.95 -4.10
CA ARG B 75 -13.62 -13.09 -3.57
C ARG B 75 -13.77 -14.33 -2.70
N GLU B 76 -12.99 -15.38 -2.98
CA GLU B 76 -13.07 -16.58 -2.15
C GLU B 76 -12.73 -16.28 -0.71
N THR B 77 -11.68 -15.49 -0.48
CA THR B 77 -11.23 -15.20 0.87
C THR B 77 -11.72 -13.86 1.40
N GLY B 78 -12.23 -12.99 0.53
CA GLY B 78 -12.37 -11.60 0.95
C GLY B 78 -11.05 -10.94 1.35
N GLN B 79 -9.93 -11.42 0.82
CA GLN B 79 -8.61 -10.88 1.14
C GLN B 79 -7.84 -10.60 -0.16
N TYR B 80 -6.69 -9.91 -0.05
CA TYR B 80 -5.92 -9.50 -1.23
C TYR B 80 -4.71 -10.41 -1.46
N ILE B 81 -4.44 -10.70 -2.72
CA ILE B 81 -3.30 -11.51 -3.11
C ILE B 81 -2.21 -10.57 -3.61
N GLY B 82 -0.98 -10.76 -3.14
CA GLY B 82 0.13 -9.97 -3.64
C GLY B 82 0.64 -10.54 -4.97
N ARG B 83 0.76 -9.69 -5.98
CA ARG B 83 1.28 -10.11 -7.28
C ARG B 83 2.59 -9.41 -7.58
N THR B 84 3.55 -10.17 -8.06
CA THR B 84 4.86 -9.68 -8.37
C THR B 84 4.98 -8.96 -9.69
N ARG B 85 6.16 -8.40 -9.89
CA ARG B 85 6.49 -7.76 -11.10
C ARG B 85 6.47 -8.78 -12.22
N ALA B 86 6.94 -9.98 -11.96
CA ALA B 86 6.89 -11.00 -13.01
C ALA B 86 5.46 -11.31 -13.39
N TRP B 87 4.58 -11.45 -12.40
CA TRP B 87 3.17 -11.66 -12.72
C TRP B 87 2.63 -10.49 -13.55
N ILE B 88 3.03 -9.26 -13.21
CA ILE B 88 2.52 -8.10 -13.94
C ILE B 88 2.98 -8.12 -15.39
N LYS B 89 4.26 -8.48 -15.63
CA LYS B 89 4.80 -8.53 -17.00
C LYS B 89 4.08 -9.59 -17.83
N GLN B 90 3.71 -10.71 -17.21
CA GLN B 90 2.95 -11.74 -17.93
C GLN B 90 1.60 -11.20 -18.38
N GLN B 91 0.97 -10.34 -17.57
CA GLN B 91 -0.32 -9.80 -18.00
C GLN B 91 -0.12 -8.72 -19.05
N VAL B 92 0.93 -7.91 -18.91
CA VAL B 92 1.25 -6.92 -19.93
C VAL B 92 1.48 -7.60 -21.26
N TYR B 93 2.25 -8.68 -21.24
CA TYR B 93 2.51 -9.48 -22.43
C TYR B 93 1.20 -9.93 -23.08
N GLU B 94 0.27 -10.41 -22.26
CA GLU B 94 -0.98 -10.85 -22.85
C GLU B 94 -1.81 -9.69 -23.39
N MET B 95 -1.68 -8.50 -22.80
CA MET B 95 -2.31 -7.32 -23.39
C MET B 95 -1.74 -6.96 -24.76
N MET B 96 -0.60 -7.54 -25.14
CA MET B 96 0.03 -7.19 -26.42
C MET B 96 0.28 -8.38 -27.32
N ARG B 97 0.17 -9.61 -26.80
CA ARG B 97 0.65 -10.89 -27.39
C ARG B 97 1.76 -10.71 -28.41
#